data_4XH3
#
_entry.id   4XH3
#
_cell.length_a   90.148
_cell.length_b   126.116
_cell.length_c   54.132
_cell.angle_alpha   90.00
_cell.angle_beta   90.00
_cell.angle_gamma   90.00
#
_symmetry.space_group_name_H-M   'C 2 2 21'
#
loop_
_entity.id
_entity.type
_entity.pdbx_description
1 polymer 'Actin-binding protein anillin'
2 water water
#
_entity_poly.entity_id   1
_entity_poly.type   'polypeptide(L)'
_entity_poly.pdbx_seq_one_letter_code
;GHMCQVNIKQKMQELNNEINMQQTVIYQASQALNCCVDEEHGKGSLEEAEAERLLLIATGKRTLLIDELNKLKNEGPQRK
NKASPQSEFMPSKGSVTLSEIRLPLKADFVCSTVQKPDAANYYYLIILKAGAENMVATPLASTSNSLNGDALTFTTTFTL
QDVSNDFEINIEVYSLVQKKDPSGLDKKKKTSKSKAITPKRLLTSITTKSNIHSSVMASPGGLSAVRTSNFALVGSYTLS
LSSVGNTKFVLDKVPFLSSLEGHIYLKIKCQVNSSVEERGFLTIFEDVSGFGAWHRRWCVLSGNCISYWTYPDDEKRKNP
IGRINLANCTSRQIEPANREFCARRNTFELITVRPQREDDRETLVSQCRDTLCVTKNWLSADTKEERDLWMQKLNQVLVD
IRLWQPDACYKPIGKP
;
_entity_poly.pdbx_strand_id   A
#
# COMPACT_ATOMS: atom_id res chain seq x y z
N GLY A 1 -4.56 25.83 -12.65
CA GLY A 1 -4.93 27.05 -11.92
C GLY A 1 -5.63 26.72 -10.60
N HIS A 2 -4.93 26.91 -9.49
CA HIS A 2 -5.49 26.52 -8.19
C HIS A 2 -5.39 27.61 -7.10
N MET A 3 -6.43 27.75 -6.29
CA MET A 3 -6.39 28.76 -5.23
C MET A 3 -5.54 28.27 -4.05
N CYS A 4 -4.77 29.18 -3.47
CA CYS A 4 -3.94 28.90 -2.30
C CYS A 4 -4.83 28.93 -1.05
N GLN A 5 -4.47 28.17 -0.01
CA GLN A 5 -5.28 28.11 1.19
C GLN A 5 -5.44 29.49 1.82
N VAL A 6 -6.61 29.78 2.36
CA VAL A 6 -6.88 31.09 2.94
C VAL A 6 -6.07 31.24 4.22
N ASN A 7 -6.04 30.18 5.02
CA ASN A 7 -5.35 30.21 6.31
C ASN A 7 -5.01 28.82 6.83
N ILE A 8 -4.19 28.78 7.87
CA ILE A 8 -3.73 27.52 8.43
C ILE A 8 -4.85 26.73 9.12
N LYS A 9 -5.89 27.42 9.58
CA LYS A 9 -7.00 26.71 10.22
C LYS A 9 -7.74 25.84 9.19
N GLN A 10 -7.93 26.36 7.99
CA GLN A 10 -8.70 25.68 6.97
C GLN A 10 -8.02 24.38 6.58
N LYS A 11 -6.70 24.43 6.46
CA LYS A 11 -5.92 23.25 6.17
C LYS A 11 -6.02 22.21 7.28
N MET A 12 -5.91 22.67 8.52
CA MET A 12 -6.00 21.79 9.67
C MET A 12 -7.36 21.12 9.71
N GLN A 13 -8.40 21.90 9.42
CA GLN A 13 -9.76 21.40 9.40
C GLN A 13 -9.92 20.34 8.30
N GLU A 14 -9.27 20.55 7.17
CA GLU A 14 -9.40 19.64 6.06
C GLU A 14 -8.78 18.31 6.46
N LEU A 15 -7.56 18.39 6.99
CA LEU A 15 -6.86 17.23 7.52
C LEU A 15 -7.68 16.51 8.57
N ASN A 16 -8.23 17.28 9.50
CA ASN A 16 -9.02 16.74 10.59
C ASN A 16 -10.22 15.96 10.08
N ASN A 17 -10.94 16.56 9.14
CA ASN A 17 -12.10 15.92 8.55
C ASN A 17 -11.73 14.63 7.80
N GLU A 18 -10.61 14.65 7.06
CA GLU A 18 -10.16 13.48 6.31
C GLU A 18 -9.77 12.35 7.26
N ILE A 19 -9.20 12.72 8.41
CA ILE A 19 -8.89 11.74 9.45
C ILE A 19 -10.18 11.07 9.93
N ASN A 20 -11.20 11.88 10.16
CA ASN A 20 -12.48 11.36 10.62
C ASN A 20 -13.15 10.49 9.56
N MET A 21 -12.98 10.84 8.28
CA MET A 21 -13.56 10.04 7.20
CA MET A 21 -13.55 10.05 7.20
C MET A 21 -12.85 8.69 7.11
N GLN A 22 -11.53 8.71 7.24
CA GLN A 22 -10.75 7.51 7.23
C GLN A 22 -11.14 6.60 8.41
N GLN A 23 -11.39 7.19 9.58
CA GLN A 23 -11.80 6.41 10.75
C GLN A 23 -13.15 5.75 10.56
N THR A 24 -14.03 6.42 9.82
CA THR A 24 -15.31 5.82 9.46
C THR A 24 -15.10 4.55 8.63
N VAL A 25 -14.23 4.65 7.62
CA VAL A 25 -13.87 3.49 6.79
C VAL A 25 -13.28 2.37 7.61
N ILE A 26 -12.36 2.73 8.50
CA ILE A 26 -11.76 1.77 9.40
C ILE A 26 -12.83 1.04 10.21
N TYR A 27 -13.70 1.81 10.87
CA TYR A 27 -14.79 1.25 11.66
C TYR A 27 -15.72 0.33 10.84
N GLN A 28 -16.10 0.79 9.65
CA GLN A 28 -16.97 -0.01 8.78
C GLN A 28 -16.30 -1.27 8.24
N ALA A 29 -15.03 -1.19 7.82
CA ALA A 29 -14.32 -2.40 7.37
C ALA A 29 -14.19 -3.40 8.51
N SER A 30 -13.92 -2.88 9.70
CA SER A 30 -13.91 -3.70 10.91
C SER A 30 -15.24 -4.42 11.17
N GLN A 31 -16.35 -3.70 11.07
CA GLN A 31 -17.66 -4.27 11.33
C GLN A 31 -17.99 -5.35 10.32
N ALA A 32 -17.57 -5.13 9.07
CA ALA A 32 -17.78 -6.11 8.04
C ALA A 32 -16.91 -7.34 8.29
N LEU A 33 -15.67 -7.14 8.69
CA LEU A 33 -14.79 -8.27 8.93
C LEU A 33 -15.26 -9.12 10.11
N ASN A 34 -15.88 -8.46 11.09
CA ASN A 34 -16.44 -9.12 12.26
C ASN A 34 -17.60 -10.06 11.94
N CYS A 35 -18.31 -9.76 10.86
CA CYS A 35 -19.43 -10.58 10.37
C CYS A 35 -18.98 -11.86 9.67
N CYS A 36 -17.68 -11.95 9.39
CA CYS A 36 -17.18 -13.11 8.63
C CYS A 36 -16.88 -14.28 9.54
N VAL A 37 -17.89 -14.73 10.28
CA VAL A 37 -17.73 -15.81 11.23
C VAL A 37 -17.55 -17.16 10.54
N ASP A 38 -18.15 -17.34 9.38
CA ASP A 38 -17.99 -18.58 8.61
C ASP A 38 -18.07 -18.35 7.11
N GLU A 39 -17.89 -19.43 6.35
CA GLU A 39 -17.89 -19.35 4.88
C GLU A 39 -19.24 -18.93 4.34
N GLU A 40 -20.32 -19.32 5.03
CA GLU A 40 -21.68 -18.92 4.66
C GLU A 40 -21.86 -17.40 4.80
N HIS A 41 -21.07 -16.81 5.71
CA HIS A 41 -21.15 -15.37 5.98
C HIS A 41 -19.98 -14.60 5.41
N GLY A 42 -19.24 -15.23 4.50
CA GLY A 42 -18.23 -14.54 3.72
C GLY A 42 -16.79 -14.80 4.10
N LYS A 43 -16.57 -15.66 5.08
CA LYS A 43 -15.21 -15.93 5.54
C LYS A 43 -14.34 -16.63 4.50
N GLY A 44 -13.13 -16.10 4.32
CA GLY A 44 -12.18 -16.64 3.38
C GLY A 44 -12.52 -16.26 1.94
N SER A 45 -13.51 -15.40 1.76
CA SER A 45 -13.88 -14.96 0.43
C SER A 45 -12.92 -13.90 -0.12
N LEU A 46 -13.08 -13.57 -1.39
CA LEU A 46 -12.36 -12.45 -1.98
C LEU A 46 -12.88 -11.17 -1.32
N GLU A 47 -14.18 -11.13 -1.08
CA GLU A 47 -14.84 -9.96 -0.50
C GLU A 47 -14.18 -9.63 0.82
N GLU A 48 -13.96 -10.64 1.65
CA GLU A 48 -13.22 -10.46 2.88
C GLU A 48 -11.81 -9.89 2.64
N ALA A 49 -11.08 -10.46 1.69
CA ALA A 49 -9.74 -9.95 1.37
C ALA A 49 -9.76 -8.47 1.00
N GLU A 50 -10.78 -8.07 0.23
CA GLU A 50 -10.94 -6.68 -0.18
C GLU A 50 -11.20 -5.76 1.00
N ALA A 51 -11.88 -6.29 2.01
CA ALA A 51 -12.20 -5.54 3.22
C ALA A 51 -10.96 -5.36 4.06
N GLU A 52 -10.12 -6.39 4.07
CA GLU A 52 -8.83 -6.34 4.75
C GLU A 52 -7.93 -5.31 4.07
N ARG A 53 -8.04 -5.21 2.76
CA ARG A 53 -7.24 -4.27 2.00
C ARG A 53 -7.68 -2.83 2.35
N LEU A 54 -8.99 -2.61 2.40
CA LEU A 54 -9.52 -1.29 2.70
C LEU A 54 -9.21 -0.83 4.13
N LEU A 55 -9.29 -1.77 5.06
CA LEU A 55 -8.88 -1.52 6.42
C LEU A 55 -7.42 -1.07 6.45
N LEU A 56 -6.55 -1.79 5.75
CA LEU A 56 -5.14 -1.45 5.68
C LEU A 56 -4.91 -0.03 5.13
N ILE A 57 -5.56 0.26 4.00
CA ILE A 57 -5.39 1.52 3.32
C ILE A 57 -5.81 2.71 4.21
N ALA A 58 -7.03 2.62 4.75
CA ALA A 58 -7.61 3.65 5.60
C ALA A 58 -6.78 3.90 6.86
N THR A 59 -6.24 2.81 7.41
CA THR A 59 -5.35 2.87 8.56
C THR A 59 -4.05 3.59 8.22
N GLY A 60 -3.48 3.27 7.06
CA GLY A 60 -2.21 3.86 6.66
C GLY A 60 -2.37 5.32 6.33
N LYS A 61 -3.44 5.63 5.59
CA LYS A 61 -3.73 7.00 5.19
C LYS A 61 -3.99 7.85 6.43
N ARG A 62 -4.76 7.31 7.38
CA ARG A 62 -5.05 8.03 8.62
C ARG A 62 -3.77 8.37 9.37
N THR A 63 -2.79 7.47 9.28
CA THR A 63 -1.55 7.69 10.01
C THR A 63 -0.77 8.85 9.39
N LEU A 64 -0.78 8.95 8.06
CA LEU A 64 -0.07 10.01 7.37
C LEU A 64 -0.70 11.37 7.66
N LEU A 65 -2.03 11.38 7.73
CA LEU A 65 -2.79 12.60 7.98
C LEU A 65 -2.48 13.09 9.39
N ILE A 66 -2.51 12.19 10.35
CA ILE A 66 -2.19 12.53 11.72
C ILE A 66 -0.81 13.16 11.83
N ASP A 67 0.17 12.56 11.18
CA ASP A 67 1.53 13.11 11.19
C ASP A 67 1.64 14.49 10.54
N GLU A 68 0.96 14.68 9.42
CA GLU A 68 0.96 15.97 8.76
C GLU A 68 0.34 17.04 9.66
N LEU A 69 -0.74 16.68 10.34
CA LEU A 69 -1.47 17.61 11.18
C LEU A 69 -0.65 18.00 12.40
N ASN A 70 0.05 17.01 12.96
CA ASN A 70 0.95 17.29 14.08
C ASN A 70 2.08 18.18 13.62
N LYS A 71 2.45 18.01 12.36
CA LYS A 71 3.50 18.83 11.77
C LYS A 71 2.99 20.27 11.61
N LEU A 72 1.79 20.44 11.07
CA LEU A 72 1.20 21.77 10.92
C LEU A 72 1.09 22.54 12.24
N LYS A 73 0.75 21.81 13.30
CA LYS A 73 0.45 22.47 14.56
C LYS A 73 1.72 22.85 15.29
N ASN A 74 2.87 22.47 14.73
CA ASN A 74 4.15 22.84 15.29
C ASN A 74 4.97 23.73 14.37
N GLU A 75 4.35 24.19 13.29
CA GLU A 75 5.01 25.17 12.43
C GLU A 75 5.19 26.46 13.23
N GLY A 76 6.25 27.21 12.92
CA GLY A 76 6.52 28.47 13.58
C GLY A 76 5.82 29.61 12.87
N PRO A 77 6.15 30.87 13.23
CA PRO A 77 5.49 32.06 12.69
C PRO A 77 5.56 32.15 11.15
N GLN A 78 4.57 32.82 10.57
CA GLN A 78 4.47 32.94 9.12
C GLN A 78 4.63 34.38 8.65
N LYS A 93 11.28 22.21 -9.55
CA LYS A 93 10.15 21.50 -10.12
C LYS A 93 10.61 20.34 -10.97
N GLY A 94 9.91 19.22 -10.84
CA GLY A 94 10.18 18.08 -11.68
C GLY A 94 9.07 17.08 -11.49
N SER A 95 9.21 15.91 -12.10
CA SER A 95 8.23 14.85 -11.90
C SER A 95 8.93 13.52 -11.77
N VAL A 96 8.31 12.60 -11.03
CA VAL A 96 8.76 11.22 -10.99
C VAL A 96 7.58 10.28 -11.26
N THR A 97 7.77 9.31 -12.17
CA THR A 97 6.72 8.35 -12.48
C THR A 97 7.17 6.90 -12.24
N LEU A 98 6.36 6.14 -11.51
CA LEU A 98 6.65 4.73 -11.29
C LEU A 98 5.64 3.85 -12.02
N SER A 99 6.13 2.76 -12.60
CA SER A 99 5.28 1.87 -13.38
C SER A 99 5.92 0.50 -13.55
N GLU A 100 5.14 -0.44 -14.11
CA GLU A 100 5.58 -1.81 -14.35
C GLU A 100 6.19 -2.44 -13.10
N ILE A 101 5.47 -2.31 -12.00
CA ILE A 101 5.88 -2.92 -10.75
C ILE A 101 5.70 -4.43 -10.82
N ARG A 102 6.72 -5.17 -10.41
CA ARG A 102 6.67 -6.63 -10.42
C ARG A 102 7.26 -7.21 -9.16
N LEU A 103 6.56 -8.18 -8.59
CA LEU A 103 6.99 -8.77 -7.33
C LEU A 103 7.28 -10.27 -7.50
N PRO A 104 8.56 -10.64 -7.64
CA PRO A 104 8.89 -12.06 -7.84
C PRO A 104 8.72 -12.93 -6.61
N LEU A 105 8.10 -14.09 -6.80
CA LEU A 105 7.89 -15.04 -5.72
C LEU A 105 8.84 -16.23 -5.86
N LYS A 106 9.04 -16.95 -4.76
CA LYS A 106 9.80 -18.19 -4.77
C LYS A 106 9.03 -19.30 -5.46
N ALA A 107 9.73 -20.06 -6.29
CA ALA A 107 9.10 -21.13 -7.08
C ALA A 107 8.50 -22.21 -6.20
N ASP A 108 9.16 -22.50 -5.08
CA ASP A 108 8.66 -23.55 -4.17
C ASP A 108 7.35 -23.13 -3.49
N PHE A 109 7.23 -21.86 -3.16
CA PHE A 109 5.98 -21.37 -2.60
C PHE A 109 4.86 -21.56 -3.60
N VAL A 110 5.11 -21.10 -4.82
CA VAL A 110 4.13 -21.18 -5.89
C VAL A 110 3.70 -22.63 -6.10
N CYS A 111 4.67 -23.55 -6.09
CA CYS A 111 4.37 -24.97 -6.26
C CYS A 111 3.41 -25.51 -5.18
N SER A 112 3.58 -25.05 -3.94
CA SER A 112 2.68 -25.42 -2.85
C SER A 112 1.24 -24.99 -3.12
N THR A 113 1.06 -23.85 -3.77
CA THR A 113 -0.29 -23.40 -4.08
C THR A 113 -0.93 -24.28 -5.14
N VAL A 114 -0.09 -24.95 -5.93
CA VAL A 114 -0.55 -25.86 -6.98
C VAL A 114 -0.87 -27.23 -6.38
N GLN A 115 0.06 -27.74 -5.56
CA GLN A 115 -0.06 -29.07 -4.98
C GLN A 115 -1.02 -29.14 -3.80
N LYS A 116 -1.24 -28.01 -3.14
CA LYS A 116 -2.17 -27.95 -2.02
C LYS A 116 -3.05 -26.71 -2.13
N PRO A 117 -3.87 -26.64 -3.19
CA PRO A 117 -4.57 -25.41 -3.56
C PRO A 117 -5.71 -25.02 -2.60
N ASP A 118 -6.11 -25.95 -1.74
CA ASP A 118 -7.23 -25.70 -0.85
C ASP A 118 -6.76 -25.36 0.57
N ALA A 119 -5.46 -25.36 0.78
CA ALA A 119 -4.92 -25.02 2.10
C ALA A 119 -5.08 -23.53 2.47
N ALA A 120 -4.80 -22.63 1.53
CA ALA A 120 -4.90 -21.20 1.80
C ALA A 120 -5.12 -20.38 0.55
N ASN A 121 -5.59 -19.15 0.75
CA ASN A 121 -5.55 -18.17 -0.33
C ASN A 121 -4.46 -17.14 -0.04
N TYR A 122 -3.75 -16.70 -1.07
CA TYR A 122 -2.74 -15.67 -0.89
C TYR A 122 -2.96 -14.43 -1.75
N TYR A 123 -2.99 -13.28 -1.09
CA TYR A 123 -3.11 -12.00 -1.76
C TYR A 123 -1.96 -11.08 -1.40
N TYR A 124 -1.53 -10.29 -2.39
CA TYR A 124 -0.48 -9.32 -2.22
C TYR A 124 -0.97 -7.96 -2.67
N LEU A 125 -0.43 -6.91 -2.06
CA LEU A 125 -0.63 -5.57 -2.59
C LEU A 125 0.60 -4.73 -2.32
N ILE A 126 0.70 -3.59 -2.97
CA ILE A 126 1.78 -2.65 -2.75
C ILE A 126 1.21 -1.30 -2.28
N ILE A 127 1.81 -0.68 -1.28
CA ILE A 127 1.43 0.68 -0.91
C ILE A 127 2.53 1.64 -1.37
N LEU A 128 2.18 2.65 -2.14
CA LEU A 128 3.14 3.70 -2.49
C LEU A 128 2.79 4.98 -1.74
N LYS A 129 3.74 5.46 -0.94
CA LYS A 129 3.55 6.69 -0.18
C LYS A 129 4.69 7.68 -0.39
N ALA A 130 4.36 8.90 -0.80
CA ALA A 130 5.38 9.94 -0.93
C ALA A 130 5.12 11.04 0.11
N GLY A 131 4.17 11.91 -0.21
CA GLY A 131 3.73 12.92 0.74
C GLY A 131 2.72 12.35 1.71
N ALA A 132 2.13 13.21 2.54
CA ALA A 132 1.15 12.76 3.52
C ALA A 132 -0.23 12.58 2.87
N GLU A 133 -0.51 13.37 1.85
CA GLU A 133 -1.76 13.23 1.11
C GLU A 133 -1.48 12.46 -0.19
N ASN A 134 -0.37 11.73 -0.20
CA ASN A 134 0.11 11.05 -1.39
C ASN A 134 0.34 9.57 -1.17
N MET A 135 -0.74 8.81 -1.10
CA MET A 135 -0.66 7.38 -0.85
C MET A 135 -1.56 6.65 -1.83
N VAL A 136 -1.01 5.64 -2.50
CA VAL A 136 -1.81 4.81 -3.37
C VAL A 136 -1.57 3.34 -3.06
N ALA A 137 -2.64 2.56 -3.14
CA ALA A 137 -2.53 1.13 -2.96
C ALA A 137 -3.04 0.41 -4.19
N THR A 138 -2.22 -0.51 -4.69
CA THR A 138 -2.62 -1.37 -5.80
C THR A 138 -3.83 -2.22 -5.42
N PRO A 139 -4.57 -2.67 -6.43
CA PRO A 139 -5.57 -3.70 -6.17
C PRO A 139 -4.89 -4.96 -5.64
N LEU A 140 -5.69 -5.91 -5.15
CA LEU A 140 -5.20 -7.21 -4.76
C LEU A 140 -4.59 -7.93 -5.96
N ALA A 141 -3.46 -8.57 -5.73
CA ALA A 141 -2.89 -9.45 -6.73
C ALA A 141 -2.80 -10.85 -6.15
N SER A 142 -2.94 -11.85 -7.00
CA SER A 142 -2.73 -13.25 -6.63
C SER A 142 -2.03 -13.97 -7.76
N THR A 143 -1.44 -15.12 -7.44
CA THR A 143 -0.78 -15.96 -8.44
C THR A 143 -1.75 -16.42 -9.53
N SER A 144 -3.04 -16.45 -9.21
CA SER A 144 -4.07 -16.85 -10.14
C SER A 144 -4.30 -15.85 -11.28
N ASN A 145 -4.07 -14.56 -11.03
CA ASN A 145 -4.40 -13.55 -12.03
C ASN A 145 -3.35 -12.47 -12.31
N SER A 146 -2.14 -12.62 -11.78
CA SER A 146 -1.15 -11.54 -11.91
C SER A 146 0.22 -12.06 -12.26
N LEU A 147 0.38 -13.38 -12.17
CA LEU A 147 1.69 -13.99 -12.36
C LEU A 147 2.11 -14.02 -13.83
N ASN A 148 3.26 -13.40 -14.10
CA ASN A 148 3.95 -13.47 -15.39
C ASN A 148 5.37 -13.90 -15.09
N GLY A 149 5.81 -15.01 -15.68
CA GLY A 149 7.06 -15.63 -15.30
C GLY A 149 6.95 -16.04 -13.85
N ASP A 150 7.84 -15.52 -13.01
CA ASP A 150 7.78 -15.82 -11.58
C ASP A 150 7.37 -14.63 -10.71
N ALA A 151 6.83 -13.59 -11.32
CA ALA A 151 6.54 -12.36 -10.58
C ALA A 151 5.11 -11.87 -10.74
N LEU A 152 4.59 -11.25 -9.69
CA LEU A 152 3.28 -10.61 -9.76
C LEU A 152 3.36 -9.31 -10.54
N THR A 153 2.41 -9.09 -11.43
CA THR A 153 2.41 -7.85 -12.19
C THR A 153 1.33 -6.94 -11.62
N PHE A 154 1.65 -5.66 -11.47
CA PHE A 154 0.67 -4.67 -11.01
C PHE A 154 0.31 -3.67 -12.10
N THR A 155 -0.97 -3.33 -12.15
CA THR A 155 -1.50 -2.43 -13.15
C THR A 155 -1.09 -0.99 -12.85
N THR A 156 -0.61 -0.79 -11.62
CA THR A 156 -0.53 0.54 -11.05
C THR A 156 0.60 1.45 -11.56
N THR A 157 0.20 2.67 -11.92
CA THR A 157 1.14 3.74 -12.27
C THR A 157 1.06 4.84 -11.22
N PHE A 158 2.22 5.35 -10.81
CA PHE A 158 2.28 6.32 -9.72
C PHE A 158 3.08 7.55 -10.18
N THR A 159 2.40 8.68 -10.31
CA THR A 159 3.04 9.87 -10.87
C THR A 159 3.06 11.04 -9.90
N LEU A 160 4.27 11.51 -9.60
CA LEU A 160 4.48 12.54 -8.60
C LEU A 160 4.91 13.83 -9.29
N GLN A 161 4.12 14.88 -9.10
CA GLN A 161 4.34 16.15 -9.80
C GLN A 161 4.91 17.22 -8.88
N ASP A 162 5.46 18.27 -9.48
CA ASP A 162 6.06 19.40 -8.76
C ASP A 162 6.94 18.90 -7.60
N VAL A 163 7.86 18.00 -7.92
CA VAL A 163 8.66 17.31 -6.91
C VAL A 163 10.10 17.80 -6.87
N SER A 164 10.66 17.84 -5.66
CA SER A 164 12.02 18.32 -5.46
C SER A 164 13.01 17.18 -5.66
N ASN A 165 14.29 17.52 -5.77
CA ASN A 165 15.30 16.51 -6.05
C ASN A 165 15.67 15.63 -4.85
N ASP A 166 15.07 15.89 -3.70
CA ASP A 166 15.38 15.11 -2.50
C ASP A 166 14.19 14.23 -2.15
N PHE A 167 13.27 14.12 -3.09
CA PHE A 167 12.10 13.25 -2.97
C PHE A 167 12.43 11.85 -2.48
N GLU A 168 11.47 11.29 -1.72
CA GLU A 168 11.51 9.90 -1.34
C GLU A 168 10.14 9.28 -1.57
N ILE A 169 10.12 8.10 -2.16
CA ILE A 169 8.88 7.34 -2.29
C ILE A 169 9.00 6.02 -1.53
N ASN A 170 8.15 5.88 -0.53
CA ASN A 170 8.15 4.65 0.26
C ASN A 170 7.27 3.57 -0.34
N ILE A 171 7.87 2.42 -0.60
CA ILE A 171 7.15 1.26 -1.10
C ILE A 171 6.98 0.30 0.05
N GLU A 172 5.77 -0.18 0.24
CA GLU A 172 5.51 -1.19 1.25
C GLU A 172 4.79 -2.36 0.59
N VAL A 173 5.35 -3.56 0.73
CA VAL A 173 4.71 -4.76 0.20
C VAL A 173 3.94 -5.49 1.29
N TYR A 174 2.68 -5.81 1.00
CA TYR A 174 1.83 -6.51 1.96
C TYR A 174 1.34 -7.85 1.44
N SER A 175 1.25 -8.82 2.34
CA SER A 175 0.70 -10.13 2.03
C SER A 175 -0.46 -10.51 2.98
N LEU A 176 -1.51 -11.11 2.43
CA LEU A 176 -2.62 -11.61 3.23
C LEU A 176 -2.74 -13.13 3.08
N VAL A 177 -2.73 -13.83 4.22
CA VAL A 177 -3.00 -15.26 4.20
C VAL A 177 -4.34 -15.59 4.85
N GLN A 178 -5.27 -16.14 4.06
CA GLN A 178 -6.49 -16.69 4.63
C GLN A 178 -6.46 -18.21 4.55
N LYS A 179 -6.47 -18.86 5.71
CA LYS A 179 -6.35 -20.32 5.77
C LYS A 179 -7.72 -21.01 5.80
N LYS A 180 -7.77 -22.24 5.27
CA LYS A 180 -8.98 -23.06 5.26
C LYS A 180 -10.18 -22.34 4.62
N ALA A 225 -15.85 -2.84 18.26
CA ALA A 225 -14.40 -2.77 18.45
C ALA A 225 -13.63 -2.80 17.13
N VAL A 226 -12.67 -1.90 17.01
CA VAL A 226 -11.89 -1.69 15.78
C VAL A 226 -10.68 -2.64 15.70
N ARG A 227 -10.48 -3.24 14.54
CA ARG A 227 -9.40 -4.21 14.38
C ARG A 227 -8.29 -3.79 13.40
N THR A 228 -7.22 -4.57 13.38
CA THR A 228 -6.08 -4.29 12.53
C THR A 228 -6.09 -5.24 11.33
N SER A 229 -5.72 -4.72 10.16
CA SER A 229 -5.72 -5.52 8.94
C SER A 229 -4.82 -6.74 9.07
N ASN A 230 -5.29 -7.88 8.56
CA ASN A 230 -4.49 -9.11 8.53
C ASN A 230 -3.41 -9.09 7.46
N PHE A 231 -3.48 -8.12 6.55
CA PHE A 231 -2.37 -7.88 5.62
C PHE A 231 -1.12 -7.51 6.42
N ALA A 232 -0.06 -8.27 6.22
CA ALA A 232 1.17 -8.10 6.97
C ALA A 232 2.25 -7.50 6.06
N LEU A 233 3.12 -6.66 6.63
CA LEU A 233 4.19 -6.03 5.85
C LEU A 233 5.30 -7.03 5.54
N VAL A 234 5.49 -7.35 4.26
CA VAL A 234 6.50 -8.36 3.91
C VAL A 234 7.69 -7.75 3.17
N GLY A 235 7.75 -6.42 3.13
CA GLY A 235 8.91 -5.77 2.57
C GLY A 235 8.72 -4.28 2.39
N SER A 236 9.82 -3.58 2.30
CA SER A 236 9.77 -2.14 2.16
C SER A 236 11.02 -1.66 1.46
N TYR A 237 10.91 -0.51 0.81
CA TYR A 237 12.04 0.12 0.17
C TYR A 237 11.74 1.59 -0.01
N THR A 238 12.75 2.43 0.13
CA THR A 238 12.58 3.86 -0.12
C THR A 238 13.30 4.22 -1.42
N LEU A 239 12.53 4.59 -2.43
CA LEU A 239 13.10 5.10 -3.66
C LEU A 239 13.47 6.58 -3.51
N SER A 240 14.61 6.97 -4.08
CA SER A 240 15.02 8.36 -4.09
C SER A 240 15.64 8.66 -5.46
N LEU A 241 16.29 9.80 -5.58
CA LEU A 241 16.90 10.20 -6.84
C LEU A 241 17.95 9.20 -7.29
N SER A 242 18.70 8.68 -6.33
CA SER A 242 19.72 7.69 -6.64
C SER A 242 19.15 6.35 -7.13
N SER A 243 17.84 6.18 -7.04
CA SER A 243 17.18 4.97 -7.54
C SER A 243 16.90 5.06 -9.03
N VAL A 244 16.87 6.30 -9.52
CA VAL A 244 16.55 6.61 -10.92
C VAL A 244 17.48 5.88 -11.89
N GLY A 245 16.90 5.28 -12.92
CA GLY A 245 17.68 4.55 -13.90
C GLY A 245 17.83 3.08 -13.55
N ASN A 246 17.45 2.72 -12.34
CA ASN A 246 17.50 1.33 -11.91
C ASN A 246 16.14 0.69 -12.05
N THR A 247 16.11 -0.64 -12.13
CA THR A 247 14.83 -1.34 -12.30
C THR A 247 14.67 -2.50 -11.34
N LYS A 248 15.69 -2.77 -10.54
CA LYS A 248 15.68 -3.90 -9.63
C LYS A 248 16.23 -3.51 -8.27
N PHE A 249 15.41 -3.71 -7.24
CA PHE A 249 15.74 -3.20 -5.91
C PHE A 249 15.63 -4.29 -4.87
N VAL A 250 16.52 -4.24 -3.89
CA VAL A 250 16.51 -5.21 -2.81
C VAL A 250 15.61 -4.74 -1.67
N LEU A 251 14.52 -5.47 -1.46
CA LEU A 251 13.56 -5.14 -0.42
C LEU A 251 14.15 -5.31 0.98
N ASP A 252 13.89 -4.34 1.85
CA ASP A 252 14.29 -4.43 3.25
C ASP A 252 13.15 -5.06 4.06
N LYS A 253 13.48 -5.57 5.24
CA LYS A 253 12.48 -6.09 6.16
C LYS A 253 11.61 -7.21 5.59
N VAL A 254 12.20 -8.08 4.77
CA VAL A 254 11.50 -9.25 4.26
C VAL A 254 11.49 -10.31 5.35
N PRO A 255 10.30 -10.81 5.70
CA PRO A 255 10.14 -11.78 6.80
C PRO A 255 10.94 -13.04 6.57
N PHE A 256 11.50 -13.61 7.64
CA PHE A 256 12.22 -14.86 7.56
C PHE A 256 11.26 -15.86 6.93
N LEU A 257 11.71 -16.50 5.86
CA LEU A 257 11.01 -17.62 5.25
C LEU A 257 9.71 -17.21 4.58
N SER A 258 9.73 -16.08 3.87
CA SER A 258 8.52 -15.62 3.19
C SER A 258 8.45 -16.10 1.75
N SER A 259 7.29 -15.89 1.14
CA SER A 259 7.05 -16.29 -0.25
C SER A 259 7.82 -15.42 -1.25
N LEU A 260 8.22 -14.22 -0.81
CA LEU A 260 8.94 -13.30 -1.69
C LEU A 260 10.36 -13.75 -2.01
N GLU A 261 10.73 -13.65 -3.28
CA GLU A 261 12.11 -13.86 -3.70
C GLU A 261 13.01 -12.81 -3.00
N GLY A 262 12.48 -11.61 -2.78
CA GLY A 262 13.21 -10.62 -2.00
C GLY A 262 13.57 -9.36 -2.76
N HIS A 263 13.27 -9.34 -4.05
CA HIS A 263 13.46 -8.14 -4.84
C HIS A 263 12.11 -7.59 -5.28
N ILE A 264 12.13 -6.35 -5.76
CA ILE A 264 10.96 -5.79 -6.42
C ILE A 264 11.48 -5.15 -7.70
N TYR A 265 10.68 -5.16 -8.76
CA TYR A 265 11.10 -4.65 -10.04
C TYR A 265 10.19 -3.51 -10.44
N LEU A 266 10.74 -2.47 -11.02
CA LEU A 266 9.91 -1.35 -11.49
C LEU A 266 10.62 -0.43 -12.47
N LYS A 267 9.83 0.39 -13.14
CA LYS A 267 10.36 1.34 -14.09
C LYS A 267 10.22 2.74 -13.48
N ILE A 268 11.31 3.52 -13.53
CA ILE A 268 11.29 4.89 -13.01
C ILE A 268 11.56 5.91 -14.09
N LYS A 269 10.53 6.63 -14.51
CA LYS A 269 10.70 7.79 -15.37
C LYS A 269 10.81 9.04 -14.49
N CYS A 270 11.67 9.98 -14.88
CA CYS A 270 11.93 11.16 -14.08
C CYS A 270 12.28 12.33 -14.98
N GLN A 271 11.65 13.47 -14.73
CA GLN A 271 11.92 14.66 -15.51
C GLN A 271 12.23 15.81 -14.56
N VAL A 272 13.30 16.54 -14.85
CA VAL A 272 13.63 17.70 -14.03
C VAL A 272 13.87 18.95 -14.87
#